data_4IB4
#
_entry.id   4IB4
#
_cell.length_a   60.571
_cell.length_b   119.750
_cell.length_c   170.607
_cell.angle_alpha   90.00
_cell.angle_beta   90.00
_cell.angle_gamma   90.00
#
_symmetry.space_group_name_H-M   'C 2 2 21'
#
loop_
_entity.id
_entity.type
_entity.pdbx_description
1 polymer 'Chimera protein of human 5-hydroxytryptamine receptor 2B and E. Coli soluble cytochrome b562'
2 non-polymer Ergotamine
3 non-polymer 'PALMITIC ACID'
4 non-polymer CHOLESTEROL
5 non-polymer '(2R)-2,3-dihydroxypropyl (9Z)-octadec-9-enoate'
6 non-polymer '(2S)-2,3-dihydroxypropyl (9Z)-octadec-9-enoate'
7 non-polymer 'OLEIC ACID'
8 non-polymer DI(HYDROXYETHYL)ETHER
9 water water
#
_entity_poly.entity_id   1
_entity_poly.type   'polypeptide(L)'
_entity_poly.pdbx_seq_one_letter_code
;DYKDDDDGAPTESIPEEMKQIVEEQGNKLHWAALLILMVIIPTIGGNTLVILAVSLEKKLQYATNYFLMSLAVADLLVGL
FVMPIALLTIMFEAMWPLPLVLCPAWLFLDVLFSTASIWHLCAISVDRYIAIKKPIQANQYNSRATAFIKITVVWLISIG
IAIPVPIKGIETDVDNPNNITCVLTKERFGDFMLFGSLAAFFTPLAIMIVTYFLTIHALQKKAADLEDNWETLNDNLKVI
EKADNAAQVKDALTKMRAAALDAQKATPPKLEDKSPDSPEMKDFRHGFDILVGQIDDALKLANEGKVKEAQAAAEQLKTT
RNAYIQKYLQTISNEQRASKVLGIVFFLFLLMWCPFFITNITLVLCDSCNQTTLQMLLEIFVWIGYVSSGVNPLVYTLFN
KTFRDAFGRYITCNYRATKSVGRPLEVLFQ
;
_entity_poly.pdbx_strand_id   A
#
# COMPACT_ATOMS: atom_id res chain seq x y z
N GLU A 23 -21.13 -6.87 43.86
CA GLU A 23 -19.79 -7.10 43.33
C GLU A 23 -19.12 -5.78 42.90
N GLU A 24 -17.78 -5.74 43.01
CA GLU A 24 -16.95 -4.60 42.64
C GLU A 24 -15.83 -5.06 41.69
N GLN A 25 -15.66 -4.32 40.58
CA GLN A 25 -14.65 -4.59 39.56
C GLN A 25 -13.22 -4.34 40.11
N GLY A 26 -13.03 -3.21 40.80
CA GLY A 26 -11.75 -2.82 41.39
C GLY A 26 -11.13 -1.60 40.74
N ASN A 27 -9.81 -1.66 40.47
CA ASN A 27 -9.03 -0.59 39.84
C ASN A 27 -8.32 -1.11 38.60
N LYS A 28 -8.33 -0.30 37.52
CA LYS A 28 -7.73 -0.66 36.24
C LYS A 28 -6.75 0.42 35.73
N LEU A 29 -5.93 0.97 36.64
CA LEU A 29 -4.93 1.98 36.28
C LEU A 29 -3.73 1.33 35.57
N HIS A 30 -3.40 0.07 35.94
CA HIS A 30 -2.29 -0.70 35.34
C HIS A 30 -2.50 -0.93 33.83
N TRP A 31 -3.77 -0.99 33.36
CA TRP A 31 -4.06 -1.14 31.93
C TRP A 31 -3.79 0.18 31.22
N ALA A 32 -4.21 1.30 31.83
CA ALA A 32 -4.02 2.67 31.32
C ALA A 32 -2.53 3.00 31.13
N ALA A 33 -1.67 2.61 32.09
CA ALA A 33 -0.23 2.86 32.02
C ALA A 33 0.43 1.99 30.94
N LEU A 34 -0.04 0.74 30.79
CA LEU A 34 0.45 -0.23 29.80
C LEU A 34 0.16 0.25 28.37
N LEU A 35 -1.04 0.85 28.14
CA LEU A 35 -1.47 1.34 26.84
C LEU A 35 -0.74 2.60 26.40
N ILE A 36 -0.27 3.44 27.34
CA ILE A 36 0.51 4.65 27.04
C ILE A 36 1.88 4.24 26.50
N LEU A 37 2.58 3.32 27.19
CA LEU A 37 3.91 2.85 26.84
C LEU A 37 3.99 1.97 25.58
N MET A 38 3.04 1.03 25.41
CA MET A 38 3.10 0.06 24.33
C MET A 38 2.21 0.40 23.12
N VAL A 39 1.32 1.42 23.22
CA VAL A 39 0.44 1.76 22.10
C VAL A 39 0.57 3.24 21.71
N ILE A 40 0.28 4.19 22.63
CA ILE A 40 0.25 5.63 22.36
C ILE A 40 1.65 6.19 22.04
N ILE A 41 2.68 5.90 22.86
CA ILE A 41 4.06 6.35 22.62
C ILE A 41 4.56 5.77 21.26
N PRO A 42 4.49 4.44 20.97
CA PRO A 42 4.95 3.94 19.65
C PRO A 42 4.19 4.54 18.46
N THR A 43 2.87 4.81 18.61
CA THR A 43 2.03 5.41 17.57
C THR A 43 2.56 6.82 17.21
N ILE A 44 2.70 7.71 18.22
CA ILE A 44 3.16 9.08 18.02
C ILE A 44 4.62 9.08 17.52
N GLY A 45 5.45 8.21 18.08
CA GLY A 45 6.86 8.07 17.72
C GLY A 45 7.09 7.62 16.29
N GLY A 46 6.52 6.48 15.93
CA GLY A 46 6.65 5.87 14.61
C GLY A 46 6.11 6.69 13.46
N ASN A 47 4.98 7.37 13.67
CA ASN A 47 4.33 8.17 12.64
C ASN A 47 5.03 9.50 12.39
N THR A 48 5.61 10.13 13.44
CA THR A 48 6.35 11.38 13.27
C THR A 48 7.63 11.11 12.48
N LEU A 49 8.27 9.93 12.69
CA LEU A 49 9.48 9.50 11.98
C LEU A 49 9.22 9.35 10.49
N VAL A 50 8.03 8.81 10.11
CA VAL A 50 7.61 8.61 8.71
C VAL A 50 7.35 10.00 8.08
N ILE A 51 6.67 10.90 8.82
CA ILE A 51 6.35 12.27 8.39
C ILE A 51 7.65 13.06 8.20
N LEU A 52 8.60 12.93 9.13
CA LEU A 52 9.89 13.63 9.05
C LEU A 52 10.71 13.19 7.84
N ALA A 53 10.74 11.87 7.55
CA ALA A 53 11.48 11.27 6.43
C ALA A 53 11.01 11.81 5.08
N VAL A 54 9.68 11.87 4.85
CA VAL A 54 9.09 12.36 3.59
C VAL A 54 9.30 13.89 3.46
N SER A 55 9.35 14.63 4.59
CA SER A 55 9.53 16.09 4.62
C SER A 55 10.99 16.55 4.48
N LEU A 56 11.93 15.85 5.14
CA LEU A 56 13.35 16.24 5.18
C LEU A 56 14.23 15.58 4.12
N GLU A 57 14.00 14.29 3.77
CA GLU A 57 14.82 13.59 2.77
C GLU A 57 14.22 13.80 1.36
N LYS A 58 15.00 14.49 0.49
CA LYS A 58 14.60 14.80 -0.89
C LYS A 58 14.53 13.54 -1.77
N LYS A 59 15.29 12.49 -1.41
CA LYS A 59 15.31 11.19 -2.11
C LYS A 59 13.98 10.43 -1.94
N LEU A 60 13.09 10.91 -1.06
CA LEU A 60 11.78 10.27 -0.80
C LEU A 60 10.62 11.18 -1.22
N GLN A 61 10.91 12.37 -1.77
CA GLN A 61 9.87 13.32 -2.20
C GLN A 61 9.34 12.93 -3.60
N TYR A 62 8.65 11.77 -3.64
CA TYR A 62 7.98 11.17 -4.80
C TYR A 62 6.50 10.97 -4.50
N ALA A 63 5.63 11.09 -5.52
CA ALA A 63 4.17 10.94 -5.48
C ALA A 63 3.68 9.75 -4.63
N THR A 64 4.31 8.58 -4.78
CA THR A 64 3.95 7.33 -4.08
C THR A 64 4.14 7.45 -2.54
N ASN A 65 5.09 8.29 -2.08
CA ASN A 65 5.35 8.47 -0.65
C ASN A 65 4.39 9.48 -0.01
N TYR A 66 3.65 10.27 -0.82
CA TYR A 66 2.66 11.22 -0.29
C TYR A 66 1.44 10.45 0.24
N PHE A 67 1.26 9.21 -0.25
CA PHE A 67 0.24 8.25 0.21
C PHE A 67 0.59 7.85 1.63
N LEU A 68 1.89 7.59 1.88
CA LEU A 68 2.46 7.20 3.17
C LEU A 68 2.39 8.33 4.18
N MET A 69 2.67 9.59 3.75
CA MET A 69 2.64 10.77 4.62
C MET A 69 1.21 11.02 5.14
N SER A 70 0.20 11.00 4.24
CA SER A 70 -1.21 11.19 4.59
C SER A 70 -1.67 10.10 5.60
N LEU A 71 -1.28 8.83 5.33
CA LEU A 71 -1.55 7.69 6.21
C LEU A 71 -0.93 7.91 7.59
N ALA A 72 0.35 8.36 7.63
CA ALA A 72 1.11 8.66 8.85
C ALA A 72 0.48 9.81 9.64
N VAL A 73 -0.08 10.83 8.95
CA VAL A 73 -0.75 11.99 9.55
C VAL A 73 -2.03 11.51 10.26
N ALA A 74 -2.86 10.70 9.56
CA ALA A 74 -4.11 10.12 10.06
C ALA A 74 -3.84 9.31 11.33
N ASP A 75 -2.83 8.43 11.28
CA ASP A 75 -2.44 7.57 12.40
C ASP A 75 -1.83 8.38 13.55
N LEU A 76 -1.13 9.48 13.24
CA LEU A 76 -0.58 10.37 14.28
C LEU A 76 -1.71 11.10 15.02
N LEU A 77 -2.78 11.50 14.27
CA LEU A 77 -3.94 12.20 14.81
C LEU A 77 -4.76 11.30 15.75
N VAL A 78 -4.76 9.95 15.51
CA VAL A 78 -5.41 8.96 16.38
C VAL A 78 -4.67 8.95 17.73
N GLY A 79 -3.34 8.88 17.67
CA GLY A 79 -2.45 8.85 18.83
C GLY A 79 -2.53 10.06 19.74
N LEU A 80 -2.73 11.26 19.16
CA LEU A 80 -2.80 12.52 19.90
C LEU A 80 -4.22 12.89 20.36
N PHE A 81 -5.24 12.67 19.51
CA PHE A 81 -6.61 13.13 19.80
C PHE A 81 -7.65 12.05 20.10
N VAL A 82 -7.43 10.79 19.68
CA VAL A 82 -8.43 9.73 19.90
C VAL A 82 -8.02 8.81 21.07
N MET A 83 -6.81 8.23 21.01
CA MET A 83 -6.29 7.30 22.02
C MET A 83 -6.20 7.90 23.45
N PRO A 84 -5.72 9.15 23.70
CA PRO A 84 -5.67 9.65 25.10
C PRO A 84 -7.06 9.83 25.72
N ILE A 85 -8.08 10.19 24.90
CA ILE A 85 -9.48 10.35 25.34
C ILE A 85 -10.10 8.96 25.59
N ALA A 86 -9.60 7.91 24.88
CA ALA A 86 -10.09 6.53 25.03
C ALA A 86 -9.63 5.88 26.38
N LEU A 87 -8.58 6.43 27.04
CA LEU A 87 -8.10 5.92 28.33
C LEU A 87 -9.04 6.29 29.48
N LEU A 88 -9.80 7.40 29.33
CA LEU A 88 -10.71 7.96 30.34
C LEU A 88 -11.74 6.94 30.85
N THR A 89 -12.30 6.08 29.96
CA THR A 89 -13.27 5.06 30.37
C THR A 89 -12.61 3.99 31.25
N ILE A 90 -11.31 3.71 31.02
CA ILE A 90 -10.53 2.72 31.77
C ILE A 90 -10.16 3.30 33.15
N MET A 91 -9.64 4.55 33.18
CA MET A 91 -9.20 5.23 34.41
C MET A 91 -10.39 5.65 35.28
N PHE A 92 -11.46 6.15 34.67
CA PHE A 92 -12.65 6.64 35.40
C PHE A 92 -13.83 5.66 35.19
N GLU A 93 -15.08 6.14 35.37
CA GLU A 93 -16.30 5.34 35.22
C GLU A 93 -16.83 5.42 33.77
N ALA A 94 -18.12 5.09 33.57
CA ALA A 94 -18.76 5.11 32.25
C ALA A 94 -19.17 6.55 31.84
N MET A 95 -19.32 7.46 32.83
CA MET A 95 -19.71 8.86 32.61
C MET A 95 -18.62 9.66 31.89
N TRP A 96 -19.05 10.69 31.12
CA TRP A 96 -18.17 11.56 30.33
C TRP A 96 -17.77 12.80 31.19
N PRO A 97 -16.45 13.01 31.45
CA PRO A 97 -16.06 14.15 32.32
C PRO A 97 -15.90 15.48 31.58
N LEU A 98 -15.52 15.44 30.30
CA LEU A 98 -15.29 16.58 29.41
C LEU A 98 -16.62 17.27 29.00
N PRO A 99 -16.63 18.43 28.29
CA PRO A 99 -17.90 19.04 27.88
C PRO A 99 -18.71 18.16 26.92
N LEU A 100 -20.04 18.32 26.93
CA LEU A 100 -21.02 17.56 26.15
C LEU A 100 -20.77 17.62 24.64
N VAL A 101 -20.29 18.77 24.12
CA VAL A 101 -20.02 19.00 22.70
C VAL A 101 -18.85 18.16 22.17
N LEU A 102 -17.87 17.85 23.03
CA LEU A 102 -16.68 17.07 22.67
C LEU A 102 -16.95 15.56 22.56
N CYS A 103 -18.09 15.07 23.05
CA CYS A 103 -18.44 13.65 23.00
C CYS A 103 -18.72 13.18 21.54
N PRO A 104 -19.66 13.78 20.75
CA PRO A 104 -19.83 13.30 19.36
C PRO A 104 -18.62 13.63 18.47
N ALA A 105 -17.84 14.67 18.83
CA ALA A 105 -16.62 15.11 18.12
C ALA A 105 -15.51 14.07 18.23
N TRP A 106 -15.34 13.46 19.41
CA TRP A 106 -14.32 12.43 19.63
C TRP A 106 -14.70 11.14 18.90
N LEU A 107 -16.00 10.75 18.95
CA LEU A 107 -16.49 9.55 18.28
C LEU A 107 -16.35 9.69 16.77
N PHE A 108 -16.63 10.91 16.24
CA PHE A 108 -16.49 11.24 14.83
C PHE A 108 -15.03 11.08 14.37
N LEU A 109 -14.06 11.66 15.13
CA LEU A 109 -12.63 11.59 14.79
C LEU A 109 -12.12 10.15 14.86
N ASP A 110 -12.64 9.36 15.81
CA ASP A 110 -12.28 7.96 15.98
C ASP A 110 -12.63 7.16 14.73
N VAL A 111 -13.88 7.28 14.23
CA VAL A 111 -14.35 6.59 13.03
C VAL A 111 -13.62 7.15 11.80
N LEU A 112 -13.45 8.49 11.71
CA LEU A 112 -12.80 9.18 10.60
C LEU A 112 -11.35 8.73 10.35
N PHE A 113 -10.50 8.82 11.37
CA PHE A 113 -9.09 8.48 11.23
C PHE A 113 -8.86 6.98 11.12
N SER A 114 -9.67 6.15 11.79
CA SER A 114 -9.52 4.69 11.70
C SER A 114 -9.94 4.16 10.33
N THR A 115 -10.99 4.77 9.70
CA THR A 115 -11.48 4.41 8.35
C THR A 115 -10.45 4.86 7.30
N ALA A 116 -9.83 6.05 7.49
CA ALA A 116 -8.82 6.61 6.60
C ALA A 116 -7.60 5.69 6.48
N SER A 117 -7.15 5.10 7.62
CA SER A 117 -5.99 4.22 7.65
C SER A 117 -6.24 2.92 6.87
N ILE A 118 -7.50 2.41 6.85
CA ILE A 118 -7.85 1.19 6.13
C ILE A 118 -7.93 1.50 4.61
N TRP A 119 -8.60 2.61 4.23
CA TRP A 119 -8.75 3.01 2.82
C TRP A 119 -7.43 3.49 2.18
N HIS A 120 -6.45 3.96 2.99
CA HIS A 120 -5.15 4.38 2.47
C HIS A 120 -4.38 3.16 1.95
N LEU A 121 -4.39 2.05 2.73
CA LEU A 121 -3.74 0.78 2.36
C LEU A 121 -4.37 0.19 1.11
N CYS A 122 -5.70 0.36 0.97
CA CYS A 122 -6.49 -0.06 -0.19
C CYS A 122 -6.04 0.73 -1.43
N ALA A 123 -5.81 2.06 -1.26
CA ALA A 123 -5.36 2.97 -2.31
C ALA A 123 -3.87 2.72 -2.66
N ILE A 124 -3.01 2.41 -1.67
CA ILE A 124 -1.59 2.10 -1.88
C ILE A 124 -1.47 0.80 -2.70
N SER A 125 -2.33 -0.21 -2.38
CA SER A 125 -2.39 -1.51 -3.04
C SER A 125 -2.77 -1.39 -4.51
N VAL A 126 -3.84 -0.61 -4.82
CA VAL A 126 -4.33 -0.41 -6.19
C VAL A 126 -3.25 0.34 -7.00
N ASP A 127 -2.62 1.38 -6.40
CA ASP A 127 -1.54 2.17 -6.98
C ASP A 127 -0.33 1.29 -7.36
N ARG A 128 0.06 0.37 -6.44
CA ARG A 128 1.17 -0.55 -6.60
C ARG A 128 0.91 -1.57 -7.71
N TYR A 129 -0.36 -2.01 -7.86
CA TYR A 129 -0.77 -2.93 -8.92
C TYR A 129 -0.65 -2.24 -10.28
N ILE A 130 -1.09 -0.95 -10.36
CA ILE A 130 -1.05 -0.10 -11.55
C ILE A 130 0.44 0.13 -11.94
N ALA A 131 1.33 0.30 -10.95
CA ALA A 131 2.77 0.47 -11.19
C ALA A 131 3.39 -0.77 -11.88
N ILE A 132 2.83 -1.98 -11.63
CA ILE A 132 3.27 -3.24 -12.23
C ILE A 132 2.60 -3.44 -13.61
N LYS A 133 1.26 -3.29 -13.70
CA LYS A 133 0.46 -3.49 -14.92
C LYS A 133 0.77 -2.43 -15.99
N LYS A 134 1.03 -1.18 -15.56
CA LYS A 134 1.37 -0.04 -16.43
C LYS A 134 2.78 0.44 -16.05
N PRO A 135 3.86 -0.26 -16.50
CA PRO A 135 5.23 0.16 -16.09
C PRO A 135 5.62 1.53 -16.66
N ILE A 136 5.17 1.84 -17.89
CA ILE A 136 5.43 3.13 -18.56
C ILE A 136 4.29 4.12 -18.21
N GLN A 137 4.07 5.15 -19.08
CA GLN A 137 3.04 6.19 -18.95
C GLN A 137 3.13 6.97 -17.60
N ALA A 138 4.31 6.91 -16.94
CA ALA A 138 4.56 7.57 -15.66
C ALA A 138 5.28 8.91 -15.88
N ASN A 139 4.67 10.00 -15.36
CA ASN A 139 5.20 11.37 -15.44
C ASN A 139 5.21 11.96 -14.04
N GLN A 140 6.33 12.60 -13.64
CA GLN A 140 6.56 13.18 -12.31
C GLN A 140 5.46 14.20 -11.91
N TYR A 141 5.22 15.22 -12.77
CA TYR A 141 4.23 16.29 -12.52
C TYR A 141 2.80 15.74 -12.48
N ASN A 142 2.45 14.84 -13.42
CA ASN A 142 1.13 14.23 -13.51
C ASN A 142 0.86 13.24 -12.37
N SER A 143 1.88 12.47 -11.93
CA SER A 143 1.75 11.52 -10.81
C SER A 143 1.48 12.23 -9.49
N ARG A 144 2.03 13.45 -9.29
CA ARG A 144 1.81 14.24 -8.08
C ARG A 144 0.32 14.62 -7.97
N ALA A 145 -0.27 15.09 -9.08
CA ALA A 145 -1.68 15.46 -9.18
C ALA A 145 -2.56 14.25 -8.91
N THR A 146 -2.27 13.12 -9.59
CA THR A 146 -2.96 11.83 -9.48
C THR A 146 -2.95 11.32 -8.03
N ALA A 147 -1.79 11.42 -7.33
CA ALA A 147 -1.64 10.98 -5.93
C ALA A 147 -2.51 11.85 -4.99
N PHE A 148 -2.44 13.19 -5.12
CA PHE A 148 -3.25 14.14 -4.33
C PHE A 148 -4.76 13.93 -4.54
N ILE A 149 -5.19 13.59 -5.78
CA ILE A 149 -6.59 13.30 -6.12
C ILE A 149 -7.06 12.06 -5.32
N LYS A 150 -6.30 10.94 -5.40
CA LYS A 150 -6.60 9.67 -4.71
C LYS A 150 -6.61 9.84 -3.19
N ILE A 151 -5.71 10.69 -2.64
CA ILE A 151 -5.63 11.00 -1.21
C ILE A 151 -6.94 11.67 -0.77
N THR A 152 -7.36 12.73 -1.51
CA THR A 152 -8.57 13.50 -1.26
C THR A 152 -9.81 12.58 -1.25
N VAL A 153 -9.93 11.68 -2.25
CA VAL A 153 -11.03 10.71 -2.39
C VAL A 153 -11.12 9.81 -1.14
N VAL A 154 -9.97 9.31 -0.65
CA VAL A 154 -9.88 8.46 0.56
C VAL A 154 -10.41 9.24 1.77
N TRP A 155 -10.03 10.53 1.91
CA TRP A 155 -10.48 11.36 3.02
C TRP A 155 -11.97 11.68 2.92
N LEU A 156 -12.50 11.87 1.69
CA LEU A 156 -13.93 12.14 1.49
C LEU A 156 -14.76 10.88 1.77
N ILE A 157 -14.21 9.68 1.43
CA ILE A 157 -14.83 8.37 1.72
C ILE A 157 -14.95 8.23 3.26
N SER A 158 -13.88 8.60 3.98
CA SER A 158 -13.78 8.54 5.45
C SER A 158 -14.76 9.48 6.15
N ILE A 159 -14.98 10.70 5.61
CA ILE A 159 -15.94 11.67 6.17
C ILE A 159 -17.37 11.08 6.05
N GLY A 160 -17.70 10.55 4.87
CA GLY A 160 -18.99 9.94 4.55
C GLY A 160 -19.39 8.77 5.43
N ILE A 161 -18.41 8.00 5.88
CA ILE A 161 -18.64 6.84 6.75
C ILE A 161 -18.75 7.32 8.22
N ALA A 162 -18.00 8.37 8.61
CA ALA A 162 -17.98 8.88 9.99
C ALA A 162 -19.10 9.91 10.29
N ILE A 163 -19.64 10.61 9.26
CA ILE A 163 -20.66 11.66 9.40
C ILE A 163 -22.02 11.18 10.04
N PRO A 164 -22.48 9.89 9.98
CA PRO A 164 -23.75 9.54 10.65
C PRO A 164 -23.69 9.69 12.17
N VAL A 165 -22.49 9.66 12.79
CA VAL A 165 -22.31 9.79 14.24
C VAL A 165 -22.74 11.23 14.71
N PRO A 166 -22.12 12.36 14.29
CA PRO A 166 -22.59 13.68 14.78
C PRO A 166 -24.00 14.07 14.30
N ILE A 167 -24.44 13.61 13.10
CA ILE A 167 -25.78 13.91 12.54
C ILE A 167 -26.86 13.25 13.42
N LYS A 168 -26.65 12.00 13.85
CA LYS A 168 -27.58 11.26 14.70
C LYS A 168 -27.50 11.73 16.15
N GLY A 169 -26.26 11.90 16.64
CA GLY A 169 -25.99 12.36 18.01
C GLY A 169 -26.16 11.30 19.07
N ILE A 170 -25.71 11.62 20.30
CA ILE A 170 -25.82 10.74 21.48
C ILE A 170 -26.76 11.39 22.49
N GLU A 171 -27.76 10.62 22.98
CA GLU A 171 -28.74 11.11 23.95
C GLU A 171 -28.11 11.24 25.35
N THR A 172 -28.65 12.16 26.17
CA THR A 172 -28.21 12.44 27.55
C THR A 172 -28.45 11.24 28.47
N ASN A 176 -33.38 13.38 32.21
CA ASN A 176 -33.23 14.18 33.43
C ASN A 176 -31.74 14.48 33.73
N PRO A 177 -30.77 13.50 33.78
CA PRO A 177 -29.37 13.89 34.08
C PRO A 177 -28.72 14.71 32.96
N ASN A 178 -27.93 15.73 33.35
CA ASN A 178 -27.21 16.64 32.44
C ASN A 178 -25.89 16.04 31.93
N ASN A 179 -25.59 14.79 32.34
CA ASN A 179 -24.38 14.07 31.94
C ASN A 179 -24.74 12.90 31.02
N ILE A 180 -23.87 12.62 30.03
CA ILE A 180 -24.06 11.53 29.07
C ILE A 180 -22.92 10.50 29.16
N THR A 181 -23.18 9.28 28.67
CA THR A 181 -22.19 8.19 28.60
C THR A 181 -21.77 8.11 27.12
N CYS A 182 -20.51 8.50 26.82
CA CYS A 182 -19.97 8.57 25.46
C CYS A 182 -19.67 7.18 24.88
N VAL A 183 -20.70 6.61 24.27
CA VAL A 183 -20.72 5.29 23.63
C VAL A 183 -21.92 5.25 22.67
N LEU A 184 -21.76 4.55 21.54
CA LEU A 184 -22.83 4.36 20.58
C LEU A 184 -23.65 3.15 21.03
N THR A 185 -24.97 3.31 21.18
CA THR A 185 -25.85 2.22 21.66
C THR A 185 -26.31 1.34 20.50
N LYS A 186 -26.63 0.06 20.79
CA LYS A 186 -27.10 -0.92 19.81
C LYS A 186 -28.50 -0.55 19.27
N GLU A 187 -29.32 0.12 20.10
CA GLU A 187 -30.68 0.54 19.72
C GLU A 187 -30.66 1.72 18.73
N ARG A 188 -29.75 2.70 18.95
CA ARG A 188 -29.63 3.90 18.12
C ARG A 188 -28.64 3.77 16.96
N PHE A 189 -27.51 3.04 17.14
CA PHE A 189 -26.46 2.94 16.13
C PHE A 189 -26.22 1.51 15.60
N GLY A 190 -27.14 0.59 15.88
CA GLY A 190 -27.07 -0.80 15.44
C GLY A 190 -26.82 -0.97 13.95
N ASP A 191 -27.64 -0.29 13.13
CA ASP A 191 -27.51 -0.32 11.66
C ASP A 191 -26.24 0.39 11.21
N PHE A 192 -25.84 1.49 11.91
CA PHE A 192 -24.61 2.20 11.59
C PHE A 192 -23.41 1.29 11.79
N MET A 193 -23.40 0.54 12.90
CA MET A 193 -22.37 -0.40 13.27
C MET A 193 -22.24 -1.53 12.24
N LEU A 194 -23.38 -1.95 11.66
CA LEU A 194 -23.44 -3.01 10.66
C LEU A 194 -22.95 -2.53 9.28
N PHE A 195 -23.59 -1.49 8.71
CA PHE A 195 -23.25 -0.99 7.38
C PHE A 195 -21.95 -0.16 7.37
N GLY A 196 -21.60 0.45 8.50
CA GLY A 196 -20.36 1.20 8.66
C GLY A 196 -19.16 0.28 8.59
N SER A 197 -19.26 -0.91 9.22
CA SER A 197 -18.23 -1.95 9.21
C SER A 197 -18.04 -2.54 7.80
N LEU A 198 -19.15 -2.69 7.05
CA LEU A 198 -19.13 -3.22 5.69
C LEU A 198 -18.43 -2.24 4.76
N ALA A 199 -18.69 -0.93 4.95
CA ALA A 199 -18.14 0.14 4.13
C ALA A 199 -16.69 0.50 4.49
N ALA A 200 -16.35 0.48 5.79
CA ALA A 200 -15.02 0.87 6.26
C ALA A 200 -14.00 -0.24 6.25
N PHE A 201 -14.42 -1.51 6.43
CA PHE A 201 -13.48 -2.62 6.52
C PHE A 201 -13.71 -3.71 5.48
N PHE A 202 -14.94 -4.26 5.36
CA PHE A 202 -15.21 -5.38 4.45
C PHE A 202 -15.19 -5.00 2.96
N THR A 203 -15.42 -3.71 2.60
CA THR A 203 -15.36 -3.28 1.20
C THR A 203 -13.86 -3.12 0.81
N PRO A 204 -13.00 -2.34 1.52
CA PRO A 204 -11.58 -2.28 1.12
C PRO A 204 -10.84 -3.62 1.23
N LEU A 205 -11.34 -4.56 2.08
CA LEU A 205 -10.77 -5.90 2.24
C LEU A 205 -11.00 -6.71 0.95
N ALA A 206 -12.25 -6.68 0.43
CA ALA A 206 -12.65 -7.34 -0.83
C ALA A 206 -11.80 -6.82 -2.01
N ILE A 207 -11.59 -5.48 -2.11
CA ILE A 207 -10.78 -4.82 -3.14
C ILE A 207 -9.32 -5.29 -3.05
N MET A 208 -8.75 -5.31 -1.83
CA MET A 208 -7.38 -5.74 -1.57
C MET A 208 -7.16 -7.24 -1.88
N ILE A 209 -8.21 -8.10 -1.70
CA ILE A 209 -8.13 -9.53 -2.03
C ILE A 209 -8.03 -9.65 -3.56
N VAL A 210 -8.93 -8.95 -4.30
CA VAL A 210 -8.99 -8.93 -5.77
C VAL A 210 -7.63 -8.48 -6.35
N THR A 211 -7.10 -7.34 -5.84
CA THR A 211 -5.83 -6.78 -6.31
C THR A 211 -4.67 -7.72 -6.01
N TYR A 212 -4.77 -8.51 -4.91
CA TYR A 212 -3.75 -9.50 -4.56
C TYR A 212 -3.63 -10.53 -5.68
N PHE A 213 -4.75 -11.13 -6.13
CA PHE A 213 -4.75 -12.12 -7.21
C PHE A 213 -4.47 -11.49 -8.58
N LEU A 214 -4.80 -10.20 -8.77
CA LEU A 214 -4.51 -9.48 -10.01
C LEU A 214 -3.01 -9.23 -10.14
N THR A 215 -2.33 -8.95 -8.99
CA THR A 215 -0.88 -8.67 -8.93
C THR A 215 -0.11 -9.96 -9.16
N ILE A 216 -0.59 -11.08 -8.58
CA ILE A 216 0.00 -12.41 -8.74
C ILE A 216 -0.03 -12.80 -10.23
N HIS A 217 -1.15 -12.50 -10.94
CA HIS A 217 -1.33 -12.76 -12.37
C HIS A 217 -0.43 -11.86 -13.23
N ALA A 218 -0.40 -10.53 -12.92
CA ALA A 218 0.39 -9.53 -13.66
C ALA A 218 1.91 -9.81 -13.60
N LEU A 219 2.42 -10.24 -12.42
CA LEU A 219 3.85 -10.54 -12.22
C LEU A 219 4.27 -11.81 -12.97
N GLN A 220 3.41 -12.85 -13.02
CA GLN A 220 3.67 -14.09 -13.76
C GLN A 220 3.66 -13.83 -15.26
N LYS A 221 2.68 -13.04 -15.76
CA LYS A 221 2.55 -12.66 -17.17
C LYS A 221 3.78 -11.88 -17.64
N LYS A 222 4.28 -10.94 -16.81
CA LYS A 222 5.46 -10.11 -17.08
C LYS A 222 6.69 -10.99 -17.27
N ALA A 223 6.89 -11.97 -16.36
CA ALA A 223 8.00 -12.93 -16.38
C ALA A 223 7.91 -13.86 -17.59
N ALA A 224 6.68 -14.33 -17.92
CA ALA A 224 6.41 -15.22 -19.04
C ALA A 224 6.69 -14.55 -20.39
N ASP A 225 6.42 -13.24 -20.51
CA ASP A 225 6.67 -12.47 -21.74
C ASP A 225 8.16 -12.19 -21.91
N LEU A 226 8.89 -12.04 -20.79
CA LEU A 226 10.34 -11.80 -20.77
C LEU A 226 11.10 -12.99 -21.37
N GLU A 227 10.72 -14.22 -20.95
CA GLU A 227 11.29 -15.48 -21.43
C GLU A 227 10.91 -15.72 -22.89
N ASP A 228 9.66 -15.34 -23.28
CA ASP A 228 9.10 -15.45 -24.63
C ASP A 228 9.95 -14.64 -25.64
N ASN A 229 10.45 -13.46 -25.23
CA ASN A 229 11.29 -12.60 -26.07
C ASN A 229 12.75 -13.03 -26.00
N TRP A 230 13.23 -13.47 -24.81
CA TRP A 230 14.59 -13.96 -24.57
C TRP A 230 14.86 -15.23 -25.39
N GLU A 231 13.85 -16.12 -25.50
CA GLU A 231 13.93 -17.36 -26.29
C GLU A 231 13.96 -17.04 -27.79
N THR A 232 13.05 -16.14 -28.25
CA THR A 232 12.93 -15.70 -29.66
C THR A 232 14.24 -15.04 -30.11
N LEU A 233 14.87 -14.22 -29.24
CA LEU A 233 16.15 -13.55 -29.52
C LEU A 233 17.30 -14.56 -29.65
N ASN A 234 17.44 -15.48 -28.67
CA ASN A 234 18.49 -16.49 -28.62
C ASN A 234 18.37 -17.57 -29.70
N ASP A 235 17.13 -17.97 -30.06
CA ASP A 235 16.89 -19.01 -31.08
C ASP A 235 17.21 -18.51 -32.48
N ASN A 236 16.85 -17.24 -32.79
CA ASN A 236 17.11 -16.64 -34.09
C ASN A 236 18.61 -16.30 -34.24
N LEU A 237 19.32 -16.06 -33.12
CA LEU A 237 20.76 -15.78 -33.09
C LEU A 237 21.56 -17.03 -33.42
N LYS A 238 21.05 -18.22 -33.03
CA LYS A 238 21.66 -19.53 -33.28
C LYS A 238 21.54 -19.90 -34.77
N VAL A 239 20.52 -19.36 -35.47
CA VAL A 239 20.28 -19.56 -36.90
C VAL A 239 21.40 -18.83 -37.67
N ILE A 240 21.78 -17.61 -37.21
CA ILE A 240 22.81 -16.75 -37.79
C ILE A 240 24.20 -17.39 -37.62
N GLU A 241 24.54 -17.91 -36.41
CA GLU A 241 25.85 -18.53 -36.15
C GLU A 241 26.05 -19.85 -36.93
N LYS A 242 24.94 -20.46 -37.40
CA LYS A 242 24.93 -21.70 -38.19
C LYS A 242 24.67 -21.43 -39.70
N ALA A 243 24.22 -20.21 -40.06
N ALA A 243 24.22 -20.21 -40.06
CA ALA A 243 23.90 -19.82 -41.42
C ALA A 243 25.10 -19.95 -42.38
N ASP A 244 24.83 -20.40 -43.62
CA ASP A 244 25.77 -20.61 -44.72
C ASP A 244 25.51 -19.63 -45.87
N ASN A 245 24.22 -19.31 -46.11
CA ASN A 245 23.75 -18.40 -47.16
C ASN A 245 23.12 -17.12 -46.57
N ALA A 246 22.93 -16.10 -47.43
CA ALA A 246 22.36 -14.80 -47.07
C ALA A 246 20.87 -14.87 -46.72
N ALA A 247 20.10 -15.79 -47.36
CA ALA A 247 18.67 -15.96 -47.13
C ALA A 247 18.34 -16.44 -45.70
N GLN A 248 19.26 -17.22 -45.10
CA GLN A 248 19.13 -17.74 -43.73
C GLN A 248 19.19 -16.62 -42.68
N VAL A 249 19.99 -15.57 -42.96
CA VAL A 249 20.17 -14.41 -42.08
C VAL A 249 19.00 -13.43 -42.27
N LYS A 250 18.62 -13.17 -43.53
CA LYS A 250 17.53 -12.26 -43.95
C LYS A 250 16.20 -12.55 -43.24
N ASP A 251 15.79 -13.83 -43.19
CA ASP A 251 14.52 -14.24 -42.57
C ASP A 251 14.59 -14.25 -41.03
N ALA A 252 15.72 -14.72 -40.45
CA ALA A 252 15.93 -14.83 -39.00
C ALA A 252 16.07 -13.46 -38.32
N LEU A 253 16.48 -12.42 -39.06
CA LEU A 253 16.68 -11.07 -38.54
C LEU A 253 15.39 -10.24 -38.57
N THR A 254 14.49 -10.51 -39.55
CA THR A 254 13.21 -9.82 -39.72
C THR A 254 12.23 -10.15 -38.58
N LYS A 255 12.38 -11.36 -37.97
CA LYS A 255 11.55 -11.83 -36.85
C LYS A 255 11.86 -11.03 -35.59
N MET A 256 13.13 -10.65 -35.40
CA MET A 256 13.64 -9.88 -34.26
C MET A 256 13.27 -8.38 -34.38
N ARG A 257 12.96 -7.92 -35.60
CA ARG A 257 12.61 -6.52 -35.91
C ARG A 257 11.25 -6.11 -35.32
N ALA A 258 10.23 -6.99 -35.43
CA ALA A 258 8.86 -6.74 -34.95
C ALA A 258 8.64 -7.25 -33.50
N ALA A 259 9.60 -8.02 -32.95
CA ALA A 259 9.53 -8.57 -31.59
C ALA A 259 10.36 -7.77 -30.56
N ALA A 260 11.15 -6.78 -31.04
CA ALA A 260 12.00 -5.92 -30.20
C ALA A 260 11.16 -4.93 -29.36
N LEU A 261 9.96 -4.56 -29.85
CA LEU A 261 9.04 -3.63 -29.19
C LEU A 261 8.16 -4.32 -28.12
N ASP A 262 8.21 -5.66 -28.03
CA ASP A 262 7.43 -6.44 -27.06
C ASP A 262 7.98 -6.34 -25.63
N ALA A 263 9.33 -6.23 -25.49
CA ALA A 263 10.01 -6.13 -24.20
C ALA A 263 10.19 -4.67 -23.74
N GLN A 264 10.22 -3.71 -24.69
CA GLN A 264 10.40 -2.28 -24.41
C GLN A 264 9.07 -1.56 -24.15
N LYS A 265 8.04 -1.83 -24.99
CA LYS A 265 6.71 -1.21 -24.87
C LYS A 265 5.60 -2.25 -25.13
N LYS A 282 11.30 7.54 -23.03
CA LYS A 282 12.66 8.01 -23.27
C LYS A 282 13.68 6.88 -23.09
N ASP A 283 13.63 6.17 -21.95
CA ASP A 283 14.54 5.06 -21.63
C ASP A 283 14.15 3.80 -22.42
N PHE A 284 12.83 3.57 -22.58
CA PHE A 284 12.28 2.44 -23.34
C PHE A 284 12.23 2.77 -24.83
N ARG A 285 12.07 4.07 -25.16
CA ARG A 285 12.02 4.62 -26.53
C ARG A 285 13.39 4.50 -27.22
N HIS A 286 14.48 4.59 -26.42
CA HIS A 286 15.87 4.49 -26.87
C HIS A 286 16.39 3.05 -26.71
N GLY A 287 15.87 2.35 -25.69
CA GLY A 287 16.21 0.96 -25.39
C GLY A 287 16.02 0.02 -26.57
N PHE A 288 14.85 0.12 -27.22
CA PHE A 288 14.52 -0.66 -28.41
C PHE A 288 15.25 -0.13 -29.65
N ASP A 289 15.37 1.22 -29.75
CA ASP A 289 16.00 1.96 -30.85
C ASP A 289 17.43 1.49 -31.16
N ILE A 290 18.21 1.08 -30.11
CA ILE A 290 19.58 0.57 -30.27
C ILE A 290 19.53 -0.76 -31.03
N LEU A 291 18.75 -1.74 -30.51
CA LEU A 291 18.61 -3.08 -31.07
C LEU A 291 17.93 -3.06 -32.44
N VAL A 292 16.90 -2.20 -32.65
CA VAL A 292 16.17 -2.05 -33.93
C VAL A 292 17.16 -1.51 -34.99
N GLY A 293 18.00 -0.55 -34.60
CA GLY A 293 19.04 0.03 -35.46
C GLY A 293 20.15 -0.96 -35.77
N GLN A 294 20.52 -1.80 -34.77
CA GLN A 294 21.55 -2.83 -34.88
C GLN A 294 21.11 -3.96 -35.81
N ILE A 295 19.80 -4.29 -35.81
CA ILE A 295 19.21 -5.32 -36.68
C ILE A 295 19.17 -4.76 -38.12
N ASP A 296 18.79 -3.48 -38.29
CA ASP A 296 18.73 -2.78 -39.57
C ASP A 296 20.13 -2.67 -40.20
N ASP A 297 21.16 -2.40 -39.38
CA ASP A 297 22.56 -2.29 -39.80
C ASP A 297 23.10 -3.67 -40.22
N ALA A 298 22.70 -4.73 -39.49
CA ALA A 298 23.11 -6.11 -39.79
C ALA A 298 22.33 -6.67 -40.99
N LEU A 299 21.12 -6.12 -41.27
CA LEU A 299 20.29 -6.52 -42.42
C LEU A 299 20.85 -5.88 -43.69
N LYS A 300 21.45 -4.67 -43.55
CA LYS A 300 22.11 -3.93 -44.63
C LYS A 300 23.27 -4.76 -45.20
N LEU A 301 24.02 -5.45 -44.30
CA LEU A 301 25.14 -6.33 -44.65
C LEU A 301 24.62 -7.61 -45.32
N ALA A 302 23.44 -8.10 -44.88
CA ALA A 302 22.77 -9.28 -45.43
C ALA A 302 22.21 -9.00 -46.83
N ASN A 303 21.73 -7.75 -47.06
CA ASN A 303 21.23 -7.28 -48.37
C ASN A 303 22.39 -7.16 -49.37
N GLU A 304 23.56 -6.72 -48.87
CA GLU A 304 24.82 -6.57 -49.61
C GLU A 304 25.35 -7.93 -50.08
N GLY A 305 25.16 -8.95 -49.24
CA GLY A 305 25.60 -10.32 -49.48
C GLY A 305 26.70 -10.78 -48.55
N LYS A 306 27.24 -9.85 -47.72
CA LYS A 306 28.31 -10.13 -46.76
C LYS A 306 27.77 -10.94 -45.57
N VAL A 307 27.93 -12.27 -45.65
CA VAL A 307 27.46 -13.22 -44.65
C VAL A 307 28.30 -13.14 -43.36
N LYS A 308 29.65 -13.13 -43.48
CA LYS A 308 30.57 -13.07 -42.34
C LYS A 308 30.41 -11.77 -41.54
N GLU A 309 30.22 -10.63 -42.24
CA GLU A 309 30.03 -9.30 -41.65
C GLU A 309 28.71 -9.21 -40.85
N ALA A 310 27.63 -9.85 -41.34
CA ALA A 310 26.32 -9.88 -40.68
C ALA A 310 26.37 -10.75 -39.43
N GLN A 311 27.07 -11.91 -39.50
CA GLN A 311 27.26 -12.86 -38.40
C GLN A 311 28.10 -12.23 -37.28
N ALA A 312 29.07 -11.34 -37.66
CA ALA A 312 29.93 -10.63 -36.72
C ALA A 312 29.14 -9.58 -35.96
N ALA A 313 28.23 -8.86 -36.65
CA ALA A 313 27.36 -7.81 -36.08
C ALA A 313 26.36 -8.41 -35.08
N ALA A 314 25.91 -9.65 -35.32
CA ALA A 314 24.96 -10.36 -34.46
C ALA A 314 25.65 -10.89 -33.19
N GLU A 315 26.93 -11.31 -33.27
CA GLU A 315 27.69 -11.82 -32.13
C GLU A 315 28.10 -10.68 -31.19
N GLN A 316 28.25 -9.46 -31.74
CA GLN A 316 28.59 -8.24 -30.99
C GLN A 316 27.31 -7.65 -30.37
N LEU A 317 26.13 -8.09 -30.88
CA LEU A 317 24.80 -7.73 -30.42
C LEU A 317 24.43 -8.53 -29.15
N LYS A 318 25.14 -9.67 -28.91
CA LYS A 318 24.94 -10.55 -27.76
C LYS A 318 25.27 -9.85 -26.43
N THR A 319 26.21 -8.87 -26.44
CA THR A 319 26.58 -8.11 -25.25
C THR A 319 25.53 -7.02 -24.98
N THR A 320 24.82 -6.57 -26.04
CA THR A 320 23.78 -5.53 -25.96
C THR A 320 22.46 -6.12 -25.41
N ARG A 321 22.10 -7.36 -25.81
CA ARG A 321 20.89 -8.03 -25.34
C ARG A 321 21.00 -8.45 -23.86
N ASN A 322 22.24 -8.78 -23.40
CA ASN A 322 22.54 -9.15 -22.02
C ASN A 322 22.32 -7.97 -21.08
N ALA A 323 22.67 -6.75 -21.54
CA ALA A 323 22.55 -5.49 -20.80
C ALA A 323 21.08 -5.11 -20.55
N TYR A 324 20.17 -5.47 -21.47
CA TYR A 324 18.74 -5.16 -21.35
C TYR A 324 17.95 -6.29 -20.69
N ILE A 325 18.39 -7.55 -20.85
CA ILE A 325 17.71 -8.71 -20.25
C ILE A 325 17.97 -8.75 -18.74
N GLN A 326 19.23 -8.51 -18.32
CA GLN A 326 19.65 -8.49 -16.91
C GLN A 326 19.02 -7.31 -16.17
N LYS A 327 18.83 -6.16 -16.87
CA LYS A 327 18.21 -4.96 -16.32
C LYS A 327 16.70 -5.18 -16.09
N TYR A 328 16.01 -5.78 -17.08
CA TYR A 328 14.58 -6.05 -16.99
C TYR A 328 14.29 -7.21 -16.01
N LEU A 329 15.27 -8.12 -15.82
CA LEU A 329 15.17 -9.26 -14.89
C LEU A 329 15.31 -8.76 -13.43
N GLN A 330 16.05 -7.65 -13.23
CA GLN A 330 16.25 -7.04 -11.92
C GLN A 330 15.02 -6.23 -11.52
N THR A 331 14.32 -5.63 -12.51
CA THR A 331 13.12 -4.82 -12.31
C THR A 331 11.95 -5.70 -11.82
N ILE A 332 11.77 -6.90 -12.44
CA ILE A 332 10.70 -7.85 -12.06
C ILE A 332 10.97 -8.43 -10.65
N SER A 333 12.25 -8.72 -10.32
CA SER A 333 12.62 -9.25 -9.01
C SER A 333 12.33 -8.24 -7.89
N ASN A 334 12.60 -6.95 -8.14
CA ASN A 334 12.35 -5.85 -7.20
C ASN A 334 10.84 -5.64 -7.00
N GLU A 335 10.04 -5.72 -8.09
CA GLU A 335 8.58 -5.59 -8.08
C GLU A 335 7.96 -6.73 -7.25
N GLN A 336 8.46 -7.96 -7.43
CA GLN A 336 8.02 -9.18 -6.75
C GLN A 336 8.37 -9.12 -5.25
N ARG A 337 9.58 -8.61 -4.91
CA ARG A 337 10.06 -8.48 -3.53
C ARG A 337 9.23 -7.45 -2.77
N ALA A 338 8.94 -6.29 -3.40
CA ALA A 338 8.14 -5.23 -2.81
C ALA A 338 6.68 -5.68 -2.62
N SER A 339 6.13 -6.45 -3.58
CA SER A 339 4.75 -6.95 -3.51
C SER A 339 4.58 -7.99 -2.38
N LYS A 340 5.61 -8.81 -2.12
CA LYS A 340 5.61 -9.82 -1.06
C LYS A 340 5.63 -9.13 0.30
N VAL A 341 6.43 -8.03 0.41
CA VAL A 341 6.55 -7.22 1.63
C VAL A 341 5.20 -6.56 1.91
N LEU A 342 4.65 -5.81 0.94
CA LEU A 342 3.35 -5.13 1.03
C LEU A 342 2.23 -6.11 1.45
N GLY A 343 2.26 -7.32 0.88
CA GLY A 343 1.29 -8.38 1.15
C GLY A 343 1.20 -8.79 2.61
N ILE A 344 2.34 -9.23 3.20
CA ILE A 344 2.42 -9.68 4.59
C ILE A 344 2.05 -8.54 5.56
N VAL A 345 2.67 -7.34 5.40
CA VAL A 345 2.47 -6.15 6.25
C VAL A 345 0.98 -5.70 6.22
N PHE A 346 0.35 -5.63 5.03
CA PHE A 346 -1.04 -5.22 4.91
C PHE A 346 -2.00 -6.31 5.42
N PHE A 347 -1.63 -7.60 5.28
CA PHE A 347 -2.43 -8.73 5.78
C PHE A 347 -2.44 -8.76 7.31
N LEU A 348 -1.28 -8.49 7.96
CA LEU A 348 -1.16 -8.46 9.42
C LEU A 348 -1.92 -7.28 10.01
N PHE A 349 -2.05 -6.17 9.25
CA PHE A 349 -2.83 -4.98 9.61
C PHE A 349 -4.31 -5.31 9.64
N LEU A 350 -4.81 -5.95 8.57
CA LEU A 350 -6.21 -6.32 8.39
C LEU A 350 -6.64 -7.36 9.41
N LEU A 351 -5.72 -8.28 9.75
CA LEU A 351 -5.91 -9.37 10.71
C LEU A 351 -6.13 -8.84 12.13
N MET A 352 -5.42 -7.76 12.49
CA MET A 352 -5.51 -7.13 13.81
C MET A 352 -6.79 -6.28 13.95
N TRP A 353 -7.44 -5.91 12.83
CA TRP A 353 -8.70 -5.16 12.82
C TRP A 353 -9.91 -6.11 12.76
N CYS A 354 -9.68 -7.38 12.36
CA CYS A 354 -10.69 -8.44 12.25
C CYS A 354 -11.44 -8.67 13.58
N PRO A 355 -10.78 -8.81 14.76
CA PRO A 355 -11.55 -9.06 15.99
C PRO A 355 -12.59 -7.98 16.27
N PHE A 356 -12.25 -6.68 16.07
CA PHE A 356 -13.17 -5.58 16.31
C PHE A 356 -14.39 -5.62 15.39
N PHE A 357 -14.19 -5.71 14.06
CA PHE A 357 -15.29 -5.68 13.09
C PHE A 357 -16.16 -6.97 13.09
N ILE A 358 -15.62 -8.12 13.54
CA ILE A 358 -16.40 -9.36 13.60
C ILE A 358 -17.31 -9.33 14.86
N THR A 359 -16.73 -9.02 16.05
CA THR A 359 -17.44 -8.94 17.35
C THR A 359 -18.51 -7.84 17.30
N ASN A 360 -18.20 -6.74 16.60
CA ASN A 360 -19.07 -5.59 16.37
C ASN A 360 -20.39 -6.06 15.76
N ILE A 361 -20.30 -6.78 14.62
CA ILE A 361 -21.42 -7.34 13.87
C ILE A 361 -22.14 -8.44 14.69
N THR A 362 -21.37 -9.23 15.49
CA THR A 362 -21.89 -10.30 16.34
C THR A 362 -22.80 -9.70 17.44
N LEU A 363 -22.37 -8.60 18.08
CA LEU A 363 -23.12 -7.91 19.13
C LEU A 363 -24.44 -7.33 18.58
N VAL A 364 -24.45 -6.89 17.31
CA VAL A 364 -25.60 -6.31 16.63
C VAL A 364 -26.58 -7.41 16.18
N LEU A 365 -26.11 -8.39 15.38
CA LEU A 365 -26.94 -9.46 14.81
C LEU A 365 -27.40 -10.51 15.83
N CYS A 366 -26.50 -11.01 16.70
CA CYS A 366 -26.84 -12.05 17.69
C CYS A 366 -27.51 -11.42 18.92
N ASP A 367 -28.76 -11.81 19.17
CA ASP A 367 -29.58 -11.35 20.30
C ASP A 367 -29.48 -12.31 21.49
N SER A 368 -29.21 -13.60 21.21
CA SER A 368 -29.07 -14.67 22.21
C SER A 368 -27.71 -14.63 22.91
N CYS A 369 -26.69 -14.02 22.27
CA CYS A 369 -25.32 -13.88 22.79
C CYS A 369 -25.27 -13.00 24.04
N ASN A 370 -24.30 -13.26 24.94
CA ASN A 370 -24.11 -12.49 26.16
C ASN A 370 -23.50 -11.12 25.83
N GLN A 371 -24.33 -10.07 25.94
CA GLN A 371 -23.99 -8.67 25.63
C GLN A 371 -22.86 -8.12 26.51
N THR A 372 -22.82 -8.53 27.80
CA THR A 372 -21.81 -8.11 28.78
C THR A 372 -20.40 -8.60 28.39
N THR A 373 -20.27 -9.89 28.02
CA THR A 373 -19.01 -10.52 27.63
C THR A 373 -18.53 -9.96 26.29
N LEU A 374 -19.44 -9.72 25.33
CA LEU A 374 -19.08 -9.18 24.01
C LEU A 374 -18.60 -7.72 24.09
N GLN A 375 -19.13 -6.93 25.03
CA GLN A 375 -18.74 -5.54 25.25
C GLN A 375 -17.32 -5.49 25.84
N MET A 376 -17.01 -6.41 26.78
CA MET A 376 -15.71 -6.58 27.44
C MET A 376 -14.63 -6.90 26.39
N LEU A 377 -14.96 -7.79 25.42
CA LEU A 377 -14.05 -8.20 24.33
C LEU A 377 -13.81 -7.04 23.37
N LEU A 378 -14.88 -6.27 23.05
CA LEU A 378 -14.82 -5.12 22.15
C LEU A 378 -13.85 -4.06 22.67
N GLU A 379 -13.82 -3.82 24.00
CA GLU A 379 -12.94 -2.87 24.69
C GLU A 379 -11.47 -3.22 24.43
N ILE A 380 -11.12 -4.53 24.42
CA ILE A 380 -9.76 -5.02 24.16
C ILE A 380 -9.47 -4.90 22.65
N PHE A 381 -10.43 -5.30 21.80
CA PHE A 381 -10.30 -5.32 20.34
C PHE A 381 -10.15 -3.92 19.73
N VAL A 382 -10.71 -2.88 20.39
CA VAL A 382 -10.57 -1.47 20.00
C VAL A 382 -9.08 -1.12 20.10
N TRP A 383 -8.42 -1.57 21.19
CA TRP A 383 -7.01 -1.31 21.45
C TRP A 383 -6.08 -2.11 20.51
N ILE A 384 -6.46 -3.34 20.11
CA ILE A 384 -5.66 -4.14 19.16
C ILE A 384 -5.69 -3.42 17.78
N GLY A 385 -6.84 -2.81 17.45
CA GLY A 385 -7.03 -2.02 16.24
C GLY A 385 -6.18 -0.76 16.24
N TYR A 386 -6.10 -0.07 17.40
CA TYR A 386 -5.27 1.13 17.60
C TYR A 386 -3.79 0.82 17.40
N VAL A 387 -3.32 -0.38 17.85
CA VAL A 387 -1.94 -0.87 17.66
C VAL A 387 -1.69 -1.05 16.15
N SER A 388 -2.63 -1.76 15.48
CA SER A 388 -2.63 -2.10 14.06
C SER A 388 -2.44 -0.88 13.18
N SER A 389 -3.25 0.16 13.38
CA SER A 389 -3.14 1.40 12.61
C SER A 389 -1.93 2.21 13.07
N GLY A 390 -1.66 2.21 14.38
CA GLY A 390 -0.58 2.94 15.01
C GLY A 390 0.82 2.65 14.51
N VAL A 391 1.21 1.35 14.44
CA VAL A 391 2.55 0.94 14.00
C VAL A 391 2.60 0.59 12.49
N ASN A 392 1.43 0.55 11.82
CA ASN A 392 1.27 0.19 10.40
C ASN A 392 2.25 0.92 9.44
N PRO A 393 2.29 2.28 9.32
CA PRO A 393 3.22 2.89 8.34
C PRO A 393 4.69 2.64 8.69
N LEU A 394 5.05 2.67 9.99
CA LEU A 394 6.42 2.46 10.46
C LEU A 394 6.97 1.10 10.03
N VAL A 395 6.21 0.00 10.31
CA VAL A 395 6.57 -1.39 10.00
C VAL A 395 6.88 -1.53 8.49
N TYR A 396 5.98 -1.00 7.64
CA TYR A 396 6.08 -1.04 6.17
C TYR A 396 7.33 -0.29 5.65
N THR A 397 7.55 0.96 6.12
CA THR A 397 8.67 1.83 5.72
C THR A 397 10.03 1.28 6.19
N LEU A 398 10.04 0.43 7.24
CA LEU A 398 11.26 -0.18 7.78
C LEU A 398 11.91 -1.15 6.78
N PHE A 399 11.18 -1.55 5.73
CA PHE A 399 11.69 -2.46 4.69
C PHE A 399 12.40 -1.69 3.58
N ASN A 400 12.16 -0.37 3.49
CA ASN A 400 12.83 0.54 2.55
C ASN A 400 14.12 1.01 3.25
N LYS A 401 15.28 0.72 2.65
CA LYS A 401 16.60 1.05 3.22
C LYS A 401 16.82 2.56 3.42
N THR A 402 16.34 3.41 2.49
CA THR A 402 16.53 4.86 2.57
C THR A 402 15.67 5.45 3.73
N PHE A 403 14.43 4.93 3.92
CA PHE A 403 13.52 5.30 5.03
C PHE A 403 14.11 4.87 6.38
N ARG A 404 14.63 3.62 6.45
CA ARG A 404 15.28 2.99 7.60
C ARG A 404 16.57 3.75 7.98
N ASP A 405 17.27 4.33 6.99
CA ASP A 405 18.47 5.13 7.23
C ASP A 405 18.09 6.50 7.77
N ALA A 406 16.95 7.05 7.31
CA ALA A 406 16.43 8.34 7.78
C ALA A 406 16.06 8.23 9.27
N PHE A 407 15.31 7.16 9.66
CA PHE A 407 14.88 6.88 11.03
C PHE A 407 16.08 6.74 11.99
N GLY A 408 17.17 6.12 11.51
CA GLY A 408 18.40 5.92 12.29
C GLY A 408 19.09 7.22 12.62
N ARG A 409 18.94 8.23 11.74
CA ARG A 409 19.50 9.58 11.90
C ARG A 409 18.64 10.42 12.86
N TYR A 410 17.30 10.35 12.72
CA TYR A 410 16.36 11.13 13.54
C TYR A 410 16.31 10.67 15.00
N ILE A 411 16.55 9.37 15.30
CA ILE A 411 16.54 8.86 16.68
C ILE A 411 17.74 9.42 17.48
N THR A 412 18.82 9.82 16.78
CA THR A 412 20.01 10.44 17.38
C THR A 412 19.99 11.96 17.13
N CYS A 413 18.82 12.48 16.66
CA CYS A 413 18.50 13.88 16.34
C CYS A 413 19.54 14.49 15.38
N ASN A 414 19.61 13.95 14.16
CA ASN A 414 20.56 14.41 13.13
C ASN A 414 19.92 15.48 12.23
N TYR A 415 18.87 15.11 11.46
CA TYR A 415 18.12 15.96 10.51
C TYR A 415 19.03 16.60 9.42
N ARG A 416 20.25 16.03 9.23
CA ARG A 416 21.30 16.43 8.28
C ARG A 416 21.71 17.90 8.48
#